data_6RUG
#
_entry.id   6RUG
#
_cell.length_a   67.860
_cell.length_b   67.860
_cell.length_c   102.300
_cell.angle_alpha   90.00
_cell.angle_beta   90.00
_cell.angle_gamma   90.00
#
_symmetry.space_group_name_H-M   'P 43 21 2'
#
loop_
_entity.id
_entity.type
_entity.pdbx_description
1 polymer 'Proteinase K'
2 non-polymer 'Co-substituted alpha-Keggin'
3 non-polymer 'SULFATE ION'
4 water water
#
_entity_poly.entity_id   1
_entity_poly.type   'polypeptide(L)'
_entity_poly.pdbx_seq_one_letter_code
;AAQTNAPWGLARISSTSPGTSTYYYDESAGQGSCVYVIDTGIEASHPEFEGRAQMVKTYYYSSRDGNGHGTHCAGTVGSR
TYGVAKKTQLFGVKVLDDNGSGQYSTIIAGMDFVASDKNNRNCPKGVVASLSLGGGYSSSVNSAAARLQSSGVMVAVAAG
NNNADARNYSPASEPSVCTVGASDRYDRRSSFSNYGSVLDIFGPGTDILSTWIGGSTRSISGTSMATPHVAGLAAYLMTL
GKTTAASACRYIADTANKGDLSNIPFGTVNLLAYNNYQA
;
_entity_poly.pdbx_strand_id   A
#
loop_
_chem_comp.id
_chem_comp.type
_chem_comp.name
_chem_comp.formula
SO4 non-polymer 'SULFATE ION' 'O4 S -2'
WCO non-polymer 'Co-substituted alpha-Keggin' 'Co O39 P W11'
#
# COMPACT_ATOMS: atom_id res chain seq x y z
N ALA A 1 -7.35 20.28 4.18
CA ALA A 1 -7.21 20.50 2.71
C ALA A 1 -8.26 19.66 2.00
N ALA A 2 -8.65 20.13 0.80
CA ALA A 2 -9.63 19.45 -0.03
C ALA A 2 -9.12 19.36 -1.46
N GLN A 3 -9.23 18.18 -2.04
CA GLN A 3 -8.91 17.93 -3.44
C GLN A 3 -10.22 17.56 -4.13
N THR A 4 -10.74 18.44 -4.97
CA THR A 4 -12.00 18.09 -5.65
C THR A 4 -11.73 17.15 -6.82
N ASN A 5 -12.79 16.45 -7.22
CA ASN A 5 -12.75 15.49 -8.31
C ASN A 5 -11.57 14.53 -8.17
N ALA A 6 -11.41 14.04 -6.96
CA ALA A 6 -10.37 13.08 -6.67
C ALA A 6 -10.78 11.69 -7.12
N PRO A 7 -9.82 10.78 -7.29
CA PRO A 7 -10.19 9.38 -7.52
C PRO A 7 -11.10 8.91 -6.38
N TRP A 8 -12.03 8.01 -6.71
CA TRP A 8 -13.02 7.63 -5.74
C TRP A 8 -12.40 7.07 -4.47
N GLY A 9 -11.29 6.34 -4.59
CA GLY A 9 -10.69 5.72 -3.42
C GLY A 9 -10.11 6.72 -2.44
N LEU A 10 -9.54 7.82 -2.95
CA LEU A 10 -9.09 8.88 -2.05
C LEU A 10 -10.27 9.49 -1.33
N ALA A 11 -11.34 9.83 -2.07
CA ALA A 11 -12.52 10.36 -1.41
C ALA A 11 -13.05 9.36 -0.38
N ARG A 12 -13.01 8.07 -0.69
CA ARG A 12 -13.56 7.08 0.22
C ARG A 12 -12.81 7.04 1.54
N ILE A 13 -11.47 7.16 1.49
CA ILE A 13 -10.61 7.10 2.66
C ILE A 13 -10.86 8.23 3.62
N SER A 14 -11.42 9.35 3.15
CA SER A 14 -11.69 10.47 4.05
C SER A 14 -13.18 10.68 4.27
N SER A 15 -14.00 9.66 4.02
CA SER A 15 -15.43 9.80 4.15
C SER A 15 -16.05 8.71 5.01
N THR A 16 -17.11 9.09 5.72
CA THR A 16 -17.96 8.11 6.40
C THR A 16 -18.93 7.41 5.45
N SER A 17 -19.06 7.86 4.22
CA SER A 17 -20.01 7.31 3.26
C SER A 17 -19.39 7.15 1.88
N PRO A 18 -19.85 6.15 1.12
CA PRO A 18 -19.47 6.07 -0.30
C PRO A 18 -20.21 7.14 -1.10
N GLY A 19 -19.75 7.33 -2.33
CA GLY A 19 -20.47 8.16 -3.27
C GLY A 19 -20.10 9.63 -3.29
N THR A 20 -18.96 10.00 -2.73
CA THR A 20 -18.49 11.37 -2.80
C THR A 20 -17.16 11.39 -3.57
N SER A 21 -16.72 12.59 -3.93
CA SER A 21 -15.61 12.71 -4.87
C SER A 21 -14.55 13.72 -4.44
N THR A 22 -14.61 14.23 -3.22
CA THR A 22 -13.60 15.14 -2.71
C THR A 22 -12.80 14.43 -1.64
N TYR A 23 -11.47 14.53 -1.73
CA TYR A 23 -10.56 13.96 -0.74
C TYR A 23 -10.18 15.06 0.24
N TYR A 24 -10.40 14.82 1.54
CA TYR A 24 -10.09 15.76 2.59
C TYR A 24 -8.95 15.20 3.43
N TYR A 25 -7.93 16.01 3.70
CA TYR A 25 -6.76 15.54 4.43
C TYR A 25 -6.03 16.73 5.05
N ASP A 26 -5.30 16.46 6.14
CA ASP A 26 -4.45 17.48 6.73
C ASP A 26 -3.32 17.81 5.77
N GLU A 27 -3.05 19.10 5.59
CA GLU A 27 -2.04 19.55 4.63
C GLU A 27 -0.63 19.03 4.91
N SER A 28 -0.34 18.54 6.12
CA SER A 28 0.97 17.94 6.37
C SER A 28 1.26 16.82 5.37
N ALA A 29 0.24 16.05 4.99
CA ALA A 29 0.29 15.17 3.82
C ALA A 29 1.44 14.16 3.87
N GLY A 30 1.79 13.65 5.06
CA GLY A 30 2.87 12.70 5.13
C GLY A 30 4.28 13.26 5.00
N GLN A 31 4.44 14.58 5.05
CA GLN A 31 5.78 15.15 5.04
C GLN A 31 6.63 14.59 6.16
N GLY A 32 7.88 14.25 5.84
CA GLY A 32 8.79 13.72 6.83
C GLY A 32 8.69 12.23 7.06
N SER A 33 7.74 11.55 6.40
CA SER A 33 7.66 10.11 6.38
C SER A 33 8.29 9.58 5.09
N CYS A 34 8.46 8.27 5.05
CA CYS A 34 8.94 7.61 3.86
C CYS A 34 8.17 6.33 3.62
N VAL A 35 7.92 6.02 2.35
CA VAL A 35 7.27 4.78 1.97
C VAL A 35 8.10 4.08 0.92
N TYR A 36 8.48 2.84 1.22
CA TYR A 36 9.14 1.97 0.26
C TYR A 36 8.08 1.23 -0.52
N VAL A 37 8.19 1.26 -1.83
CA VAL A 37 7.30 0.55 -2.73
C VAL A 37 8.10 -0.59 -3.33
N ILE A 38 7.82 -1.81 -2.89
CA ILE A 38 8.61 -2.99 -3.19
C ILE A 38 7.86 -3.69 -4.31
N ASP A 39 8.32 -3.55 -5.55
CA ASP A 39 7.46 -3.82 -6.71
C ASP A 39 8.31 -3.87 -7.97
N THR A 40 7.75 -3.43 -9.10
CA THR A 40 8.45 -3.45 -10.39
C THR A 40 9.30 -2.21 -10.63
N GLY A 41 9.43 -1.35 -9.65
CA GLY A 41 10.12 -0.08 -9.78
C GLY A 41 9.15 1.09 -9.79
N ILE A 42 9.71 2.29 -10.00
CA ILE A 42 8.92 3.52 -10.09
C ILE A 42 9.52 4.38 -11.20
N GLU A 43 8.67 4.88 -12.09
CA GLU A 43 9.07 5.88 -13.07
C GLU A 43 9.14 7.21 -12.35
N ALA A 44 10.28 7.48 -11.74
CA ALA A 44 10.39 8.57 -10.79
C ALA A 44 10.34 9.95 -11.47
N SER A 45 10.58 10.02 -12.78
CA SER A 45 10.49 11.29 -13.49
C SER A 45 9.05 11.69 -13.79
N HIS A 46 8.06 10.86 -13.48
CA HIS A 46 6.68 11.25 -13.73
C HIS A 46 6.40 12.57 -13.04
N PRO A 47 5.82 13.57 -13.73
CA PRO A 47 5.54 14.86 -13.08
C PRO A 47 4.74 14.71 -11.80
N GLU A 48 3.91 13.66 -11.72
CA GLU A 48 3.08 13.45 -10.55
C GLU A 48 3.88 13.22 -9.27
N PHE A 49 5.14 12.79 -9.38
CA PHE A 49 5.96 12.53 -8.18
C PHE A 49 6.73 13.75 -7.70
N GLU A 50 6.89 14.78 -8.55
CA GLU A 50 7.41 16.07 -8.10
C GLU A 50 8.80 15.97 -7.49
N GLY A 51 9.62 15.00 -7.92
CA GLY A 51 10.95 14.87 -7.35
C GLY A 51 11.01 14.13 -6.02
N ARG A 52 9.88 13.65 -5.51
CA ARG A 52 9.82 12.96 -4.23
C ARG A 52 10.00 11.46 -4.34
N ALA A 53 10.13 10.92 -5.54
CA ALA A 53 10.38 9.49 -5.73
C ALA A 53 11.79 9.24 -6.19
N GLN A 54 12.35 8.12 -5.74
CA GLN A 54 13.65 7.70 -6.21
C GLN A 54 13.77 6.19 -6.06
N MET A 55 14.53 5.60 -6.98
CA MET A 55 14.89 4.19 -6.87
C MET A 55 16.07 4.06 -5.93
N VAL A 56 16.00 3.09 -5.01
CA VAL A 56 17.10 2.81 -4.10
C VAL A 56 17.69 1.44 -4.29
N LYS A 57 17.04 0.52 -5.01
CA LYS A 57 17.57 -0.82 -5.20
C LYS A 57 16.87 -1.50 -6.35
N THR A 58 17.63 -2.28 -7.11
CA THR A 58 17.10 -3.23 -8.07
C THR A 58 17.87 -4.54 -7.93
N TYR A 59 17.23 -5.62 -8.33
CA TYR A 59 17.83 -6.95 -8.42
C TYR A 59 17.96 -7.41 -9.87
N TYR A 60 17.70 -6.51 -10.81
CA TYR A 60 17.67 -6.79 -12.24
C TYR A 60 18.66 -5.85 -12.95
N TYR A 61 18.78 -6.05 -14.26
CA TYR A 61 19.75 -5.27 -15.03
C TYR A 61 19.45 -3.78 -15.02
N SER A 62 18.20 -3.38 -14.71
CA SER A 62 17.83 -1.97 -14.66
C SER A 62 16.93 -1.71 -13.48
N SER A 63 16.88 -0.44 -13.05
CA SER A 63 15.93 0.04 -12.06
C SER A 63 14.67 0.63 -12.69
N ARG A 64 14.60 0.66 -14.01
CA ARG A 64 13.43 1.18 -14.70
C ARG A 64 12.20 0.30 -14.43
N ASP A 65 11.06 0.95 -14.22
CA ASP A 65 9.78 0.24 -14.22
C ASP A 65 9.35 0.04 -15.66
N GLY A 66 9.59 -1.14 -16.22
CA GLY A 66 9.16 -1.48 -17.56
C GLY A 66 7.79 -2.12 -17.60
N ASN A 67 7.08 -2.12 -16.47
CA ASN A 67 5.78 -2.75 -16.37
C ASN A 67 4.67 -1.73 -16.18
N GLY A 68 4.80 -0.88 -15.15
CA GLY A 68 3.76 0.07 -14.77
C GLY A 68 3.19 -0.20 -13.39
N HIS A 69 3.15 -1.45 -12.97
CA HIS A 69 2.49 -1.80 -11.71
C HIS A 69 3.09 -1.05 -10.52
N GLY A 70 4.42 -1.03 -10.41
CA GLY A 70 5.04 -0.31 -9.31
C GLY A 70 4.79 1.18 -9.35
N THR A 71 4.82 1.77 -10.55
CA THR A 71 4.51 3.19 -10.70
C THR A 71 3.08 3.49 -10.27
N HIS A 72 2.14 2.62 -10.62
CA HIS A 72 0.75 2.80 -10.23
C HIS A 72 0.61 2.75 -8.71
N CYS A 73 1.19 1.73 -8.08
CA CYS A 73 1.13 1.64 -6.63
C CYS A 73 1.78 2.83 -5.96
N ALA A 74 2.97 3.22 -6.42
CA ALA A 74 3.62 4.39 -5.85
C ALA A 74 2.75 5.65 -6.00
N GLY A 75 2.04 5.77 -7.13
CA GLY A 75 1.17 6.90 -7.30
C GLY A 75 0.03 6.95 -6.30
N THR A 76 -0.51 5.78 -5.93
CA THR A 76 -1.58 5.75 -4.92
C THR A 76 -1.04 6.08 -3.54
N VAL A 77 0.20 5.69 -3.24
CA VAL A 77 0.80 6.10 -1.98
C VAL A 77 0.94 7.62 -1.93
N GLY A 78 1.57 8.20 -2.96
CA GLY A 78 2.14 9.52 -2.82
C GLY A 78 2.20 10.46 -3.99
N SER A 79 1.53 10.18 -5.11
CA SER A 79 1.53 11.17 -6.17
C SER A 79 0.67 12.36 -5.80
N ARG A 80 0.94 13.50 -6.47
CA ARG A 80 0.25 14.74 -6.15
C ARG A 80 -1.25 14.62 -6.36
N THR A 81 -1.69 14.02 -7.47
CA THR A 81 -3.12 13.92 -7.78
C THR A 81 -3.73 12.63 -7.27
N TYR A 82 -3.01 11.51 -7.37
CA TYR A 82 -3.61 10.21 -7.15
C TYR A 82 -3.25 9.62 -5.81
N GLY A 83 -2.46 10.33 -5.00
CA GLY A 83 -1.90 9.77 -3.79
C GLY A 83 -2.57 10.18 -2.50
N VAL A 84 -2.48 9.28 -1.53
CA VAL A 84 -2.99 9.51 -0.18
C VAL A 84 -2.11 10.51 0.57
N ALA A 85 -0.78 10.32 0.50
CA ALA A 85 0.18 11.07 1.30
C ALA A 85 1.03 11.88 0.33
N LYS A 86 0.55 13.07 -0.01
CA LYS A 86 1.03 13.81 -1.17
C LYS A 86 2.36 14.49 -0.94
N LYS A 87 2.92 14.42 0.26
CA LYS A 87 4.24 14.98 0.54
C LYS A 87 5.22 13.93 1.08
N THR A 88 4.87 12.64 1.06
CA THR A 88 5.81 11.63 1.52
C THR A 88 6.96 11.46 0.53
N GLN A 89 8.05 10.87 1.03
CA GLN A 89 9.16 10.46 0.19
C GLN A 89 8.93 9.01 -0.21
N LEU A 90 9.07 8.72 -1.51
CA LEU A 90 8.85 7.39 -2.06
C LEU A 90 10.18 6.78 -2.46
N PHE A 91 10.40 5.53 -2.05
CA PHE A 91 11.62 4.81 -2.39
C PHE A 91 11.25 3.52 -3.10
N GLY A 92 11.77 3.33 -4.31
CA GLY A 92 11.47 2.15 -5.08
C GLY A 92 12.50 1.05 -4.88
N VAL A 93 12.01 -0.17 -4.68
CA VAL A 93 12.84 -1.37 -4.56
C VAL A 93 12.29 -2.34 -5.59
N LYS A 94 13.06 -2.59 -6.65
CA LYS A 94 12.58 -3.40 -7.77
C LYS A 94 12.94 -4.86 -7.52
N VAL A 95 11.97 -5.57 -6.92
CA VAL A 95 12.06 -7.01 -6.72
C VAL A 95 11.31 -7.80 -7.78
N LEU A 96 10.50 -7.14 -8.59
CA LEU A 96 9.74 -7.78 -9.64
C LEU A 96 10.27 -7.33 -10.98
N ASP A 97 10.35 -8.27 -11.93
CA ASP A 97 10.80 -7.96 -13.27
C ASP A 97 9.70 -7.26 -14.05
N ASP A 98 9.99 -6.93 -15.30
CA ASP A 98 9.05 -6.11 -16.07
C ASP A 98 7.83 -6.90 -16.51
N ASN A 99 7.80 -8.20 -16.28
CA ASN A 99 6.57 -8.98 -16.44
C ASN A 99 5.78 -9.09 -15.14
N GLY A 100 6.25 -8.46 -14.06
CA GLY A 100 5.53 -8.47 -12.81
C GLY A 100 5.84 -9.65 -11.93
N SER A 101 6.85 -10.45 -12.27
CA SER A 101 7.18 -11.67 -11.56
C SER A 101 8.49 -11.52 -10.81
N GLY A 102 8.63 -12.29 -9.74
CA GLY A 102 9.87 -12.28 -8.98
C GLY A 102 10.00 -13.55 -8.19
N GLN A 103 11.24 -14.00 -8.03
CA GLN A 103 11.49 -15.15 -7.19
C GLN A 103 11.37 -14.76 -5.72
N TYR A 104 10.89 -15.70 -4.91
CA TYR A 104 10.77 -15.44 -3.48
C TYR A 104 12.12 -15.06 -2.85
N SER A 105 13.23 -15.65 -3.29
CA SER A 105 14.50 -15.27 -2.70
C SER A 105 14.82 -13.81 -2.96
N THR A 106 14.45 -13.29 -4.12
CA THR A 106 14.68 -11.88 -4.41
C THR A 106 13.76 -11.00 -3.58
N ILE A 107 12.49 -11.41 -3.44
CA ILE A 107 11.53 -10.64 -2.64
C ILE A 107 12.00 -10.57 -1.19
N ILE A 108 12.48 -11.68 -0.65
CA ILE A 108 13.01 -11.70 0.72
C ILE A 108 14.20 -10.76 0.85
N ALA A 109 15.14 -10.82 -0.11
CA ALA A 109 16.28 -9.92 -0.06
C ALA A 109 15.82 -8.47 -0.05
N GLY A 110 14.80 -8.14 -0.86
CA GLY A 110 14.30 -6.78 -0.88
C GLY A 110 13.71 -6.33 0.44
N MET A 111 13.00 -7.23 1.14
CA MET A 111 12.46 -6.88 2.45
C MET A 111 13.59 -6.64 3.45
N ASP A 112 14.58 -7.52 3.49
CA ASP A 112 15.70 -7.29 4.39
C ASP A 112 16.48 -6.02 4.00
N PHE A 113 16.54 -5.73 2.70
CA PHE A 113 17.16 -4.49 2.26
C PHE A 113 16.47 -3.29 2.91
N VAL A 114 15.13 -3.23 2.86
CA VAL A 114 14.44 -2.07 3.42
C VAL A 114 14.69 -1.96 4.91
N ALA A 115 14.71 -3.09 5.62
CA ALA A 115 14.90 -3.03 7.07
C ALA A 115 16.22 -2.35 7.42
N SER A 116 17.24 -2.56 6.60
CA SER A 116 18.51 -1.89 6.81
C SER A 116 18.57 -0.51 6.16
N ASP A 117 18.06 -0.39 4.94
CA ASP A 117 18.23 0.84 4.18
C ASP A 117 17.54 2.03 4.83
N LYS A 118 16.48 1.82 5.61
CA LYS A 118 15.85 2.94 6.27
C LYS A 118 16.84 3.71 7.15
N ASN A 119 17.91 3.05 7.59
CA ASN A 119 18.95 3.71 8.37
C ASN A 119 19.84 4.62 7.52
N ASN A 120 19.69 4.59 6.20
CA ASN A 120 20.36 5.47 5.26
C ASN A 120 19.49 6.61 4.77
N ARG A 121 18.27 6.74 5.30
CA ARG A 121 17.31 7.70 4.82
C ARG A 121 16.83 8.57 5.97
N ASN A 122 16.30 9.74 5.63
CA ASN A 122 15.78 10.67 6.60
C ASN A 122 14.26 10.58 6.62
N CYS A 123 13.73 9.95 7.65
CA CYS A 123 12.30 9.69 7.78
C CYS A 123 11.92 9.94 9.23
N PRO A 124 12.03 11.19 9.69
CA PRO A 124 11.79 11.47 11.11
C PRO A 124 10.41 11.10 11.60
N LYS A 125 9.42 11.10 10.71
CA LYS A 125 8.06 10.77 11.10
C LYS A 125 7.75 9.28 11.02
N GLY A 126 8.62 8.49 10.41
CA GLY A 126 8.43 7.05 10.34
C GLY A 126 8.53 6.50 8.93
N VAL A 127 8.53 5.17 8.86
CA VAL A 127 8.81 4.40 7.65
C VAL A 127 7.71 3.38 7.45
N VAL A 128 7.26 3.26 6.19
CA VAL A 128 6.26 2.31 5.74
C VAL A 128 6.84 1.53 4.55
N ALA A 129 6.38 0.30 4.39
CA ALA A 129 6.66 -0.49 3.18
C ALA A 129 5.35 -1.04 2.64
N SER A 130 5.18 -0.90 1.33
CA SER A 130 4.00 -1.35 0.61
C SER A 130 4.39 -2.49 -0.31
N LEU A 131 3.78 -3.66 -0.09
CA LEU A 131 4.08 -4.91 -0.80
C LEU A 131 2.83 -5.39 -1.54
N SER A 132 2.67 -4.90 -2.77
CA SER A 132 1.57 -5.32 -3.63
C SER A 132 2.03 -6.52 -4.47
N LEU A 133 2.26 -7.63 -3.77
CA LEU A 133 2.78 -8.84 -4.40
C LEU A 133 2.49 -10.01 -3.48
N GLY A 134 2.67 -11.21 -4.01
CA GLY A 134 2.49 -12.39 -3.19
C GLY A 134 2.36 -13.61 -4.05
N GLY A 135 2.45 -14.75 -3.39
CA GLY A 135 2.26 -16.04 -4.02
C GLY A 135 1.79 -17.03 -2.98
N GLY A 136 2.07 -18.31 -3.20
CA GLY A 136 1.64 -19.33 -2.28
C GLY A 136 2.39 -19.27 -0.95
N TYR A 137 1.83 -19.96 0.05
CA TYR A 137 2.38 -19.90 1.40
C TYR A 137 3.87 -20.25 1.42
N SER A 138 4.62 -19.40 2.10
CA SER A 138 6.04 -19.64 2.36
C SER A 138 6.38 -19.12 3.75
N SER A 139 6.85 -19.99 4.63
CA SER A 139 7.25 -19.52 5.95
CA SER A 139 7.26 -19.53 5.94
C SER A 139 8.43 -18.55 5.85
N SER A 140 9.34 -18.75 4.89
CA SER A 140 10.48 -17.85 4.77
C SER A 140 10.05 -16.46 4.33
N VAL A 141 9.09 -16.37 3.40
CA VAL A 141 8.56 -15.07 2.99
C VAL A 141 7.85 -14.39 4.15
N ASN A 142 7.03 -15.14 4.90
CA ASN A 142 6.34 -14.54 6.03
C ASN A 142 7.34 -14.05 7.06
N SER A 143 8.39 -14.83 7.31
CA SER A 143 9.40 -14.45 8.30
CA SER A 143 9.40 -14.45 8.30
C SER A 143 10.13 -13.17 7.88
N ALA A 144 10.40 -13.02 6.58
CA ALA A 144 11.04 -11.80 6.11
C ALA A 144 10.12 -10.59 6.34
N ALA A 145 8.83 -10.76 6.09
CA ALA A 145 7.91 -9.64 6.33
C ALA A 145 7.83 -9.35 7.82
N ALA A 146 7.85 -10.39 8.65
CA ALA A 146 7.83 -10.18 10.09
C ALA A 146 9.08 -9.44 10.55
N ARG A 147 10.24 -9.78 10.01
CA ARG A 147 11.46 -9.07 10.39
C ARG A 147 11.38 -7.61 9.99
N LEU A 148 10.88 -7.34 8.77
CA LEU A 148 10.77 -5.95 8.33
C LEU A 148 9.90 -5.15 9.28
N GLN A 149 8.75 -5.70 9.66
CA GLN A 149 7.87 -5.04 10.63
C GLN A 149 8.58 -4.84 11.96
N SER A 150 9.20 -5.90 12.49
CA SER A 150 9.92 -5.83 13.75
C SER A 150 10.99 -4.74 13.76
N SER A 151 11.62 -4.51 12.62
CA SER A 151 12.69 -3.52 12.51
C SER A 151 12.21 -2.09 12.64
N GLY A 152 10.90 -1.86 12.65
CA GLY A 152 10.35 -0.52 12.79
C GLY A 152 9.78 0.07 11.52
N VAL A 153 9.26 -0.78 10.66
CA VAL A 153 8.62 -0.38 9.41
C VAL A 153 7.17 -0.86 9.44
N MET A 154 6.23 0.01 9.11
CA MET A 154 4.84 -0.40 8.98
C MET A 154 4.69 -1.15 7.67
N VAL A 155 4.48 -2.46 7.72
CA VAL A 155 4.40 -3.28 6.53
C VAL A 155 2.94 -3.52 6.17
N ALA A 156 2.58 -3.09 4.96
CA ALA A 156 1.25 -3.31 4.40
C ALA A 156 1.41 -4.24 3.20
N VAL A 157 0.64 -5.34 3.18
CA VAL A 157 0.73 -6.35 2.14
C VAL A 157 -0.63 -6.64 1.55
N ALA A 158 -0.63 -6.97 0.27
CA ALA A 158 -1.86 -7.31 -0.42
C ALA A 158 -2.39 -8.67 0.03
N ALA A 159 -3.71 -8.77 0.19
CA ALA A 159 -4.30 -10.03 0.58
C ALA A 159 -4.24 -11.08 -0.53
N GLY A 160 -4.21 -10.63 -1.78
CA GLY A 160 -4.25 -11.49 -2.94
C GLY A 160 -5.60 -11.45 -3.64
N ASN A 161 -5.60 -11.94 -4.89
CA ASN A 161 -6.71 -11.76 -5.82
C ASN A 161 -7.36 -13.07 -6.23
N ASN A 162 -7.40 -14.03 -5.32
CA ASN A 162 -7.87 -15.40 -5.59
C ASN A 162 -9.30 -15.66 -5.14
N ASN A 163 -9.98 -14.67 -4.59
CA ASN A 163 -11.30 -14.84 -3.98
C ASN A 163 -11.27 -16.07 -3.06
N ALA A 164 -10.24 -16.13 -2.22
CA ALA A 164 -10.00 -17.28 -1.35
C ALA A 164 -9.46 -16.81 -0.01
N ASP A 165 -9.31 -17.75 0.92
CA ASP A 165 -8.76 -17.40 2.22
C ASP A 165 -7.27 -17.09 2.09
N ALA A 166 -6.89 -15.90 2.57
CA ALA A 166 -5.52 -15.43 2.46
C ALA A 166 -4.54 -16.24 3.30
N ARG A 167 -5.02 -17.15 4.15
CA ARG A 167 -4.11 -17.95 4.96
C ARG A 167 -3.16 -18.79 4.10
N ASN A 168 -3.51 -19.02 2.83
CA ASN A 168 -2.70 -19.86 1.94
C ASN A 168 -1.77 -19.07 1.04
N TYR A 169 -1.55 -17.80 1.33
CA TYR A 169 -0.72 -16.93 0.49
C TYR A 169 0.27 -16.17 1.36
N SER A 170 1.40 -15.78 0.74
CA SER A 170 2.45 -15.07 1.47
C SER A 170 2.91 -13.88 0.65
N PRO A 171 3.23 -12.76 1.30
CA PRO A 171 3.24 -12.54 2.75
C PRO A 171 1.87 -12.24 3.40
N ALA A 172 0.78 -12.36 2.63
CA ALA A 172 -0.55 -12.05 3.16
C ALA A 172 -0.83 -12.75 4.49
N SER A 173 -0.37 -13.99 4.64
CA SER A 173 -0.72 -14.78 5.81
C SER A 173 0.15 -14.51 7.03
N GLU A 174 1.12 -13.62 6.94
CA GLU A 174 1.95 -13.32 8.10
C GLU A 174 1.14 -12.51 9.13
N PRO A 175 0.98 -13.00 10.36
CA PRO A 175 0.09 -12.30 11.30
C PRO A 175 0.55 -10.90 11.68
N SER A 176 1.85 -10.64 11.72
CA SER A 176 2.32 -9.41 12.34
C SER A 176 2.35 -8.21 11.40
N VAL A 177 2.05 -8.40 10.11
CA VAL A 177 1.98 -7.30 9.15
C VAL A 177 0.52 -6.95 8.89
N CYS A 178 0.29 -5.92 8.11
CA CYS A 178 -1.06 -5.42 7.84
C CYS A 178 -1.53 -5.94 6.49
N THR A 179 -2.47 -6.89 6.51
CA THR A 179 -2.93 -7.56 5.32
C THR A 179 -4.21 -6.88 4.83
N VAL A 180 -4.18 -6.44 3.57
CA VAL A 180 -5.16 -5.50 3.03
C VAL A 180 -6.00 -6.18 1.95
N GLY A 181 -7.32 -6.23 2.18
CA GLY A 181 -8.28 -6.62 1.17
C GLY A 181 -8.78 -5.43 0.36
N ALA A 182 -9.52 -5.73 -0.70
CA ALA A 182 -9.99 -4.70 -1.62
C ALA A 182 -11.51 -4.57 -1.61
N SER A 183 -11.96 -3.32 -1.73
CA SER A 183 -13.37 -2.97 -1.88
C SER A 183 -13.60 -2.14 -3.15
N ASP A 184 -14.85 -2.01 -3.54
CA ASP A 184 -15.27 -1.22 -4.69
C ASP A 184 -16.02 0.03 -4.27
N ARG A 185 -16.38 0.84 -5.29
CA ARG A 185 -16.92 2.16 -5.02
C ARG A 185 -18.30 2.13 -4.36
N TYR A 186 -18.96 0.98 -4.36
CA TYR A 186 -20.24 0.80 -3.71
C TYR A 186 -20.12 0.08 -2.38
N ASP A 187 -18.91 0.03 -1.83
CA ASP A 187 -18.65 -0.58 -0.54
C ASP A 187 -18.98 -2.07 -0.55
N ARG A 188 -18.72 -2.73 -1.67
CA ARG A 188 -18.75 -4.18 -1.76
C ARG A 188 -17.32 -4.71 -1.73
N ARG A 189 -17.11 -5.84 -1.08
CA ARG A 189 -15.85 -6.55 -1.25
C ARG A 189 -15.60 -6.75 -2.74
N SER A 190 -14.39 -6.41 -3.20
CA SER A 190 -14.08 -6.61 -4.60
C SER A 190 -14.19 -8.09 -4.94
N SER A 191 -14.64 -8.38 -6.16
CA SER A 191 -15.00 -9.74 -6.53
C SER A 191 -13.81 -10.69 -6.40
N PHE A 192 -12.61 -10.19 -6.63
CA PHE A 192 -11.40 -10.98 -6.60
C PHE A 192 -10.71 -10.99 -5.24
N SER A 193 -11.15 -10.17 -4.29
CA SER A 193 -10.37 -10.01 -3.08
C SER A 193 -10.34 -11.27 -2.25
N ASN A 194 -9.14 -11.65 -1.78
CA ASN A 194 -9.05 -12.66 -0.75
C ASN A 194 -9.66 -12.13 0.55
N TYR A 195 -9.90 -13.06 1.46
CA TYR A 195 -10.61 -12.77 2.71
C TYR A 195 -10.02 -13.69 3.78
N GLY A 196 -10.64 -13.70 4.94
CA GLY A 196 -10.24 -14.57 6.03
C GLY A 196 -9.79 -13.78 7.26
N SER A 197 -9.56 -14.55 8.33
CA SER A 197 -9.21 -13.96 9.62
C SER A 197 -7.89 -13.19 9.59
N VAL A 198 -6.99 -13.51 8.66
CA VAL A 198 -5.69 -12.84 8.63
C VAL A 198 -5.79 -11.43 8.06
N LEU A 199 -6.87 -11.08 7.37
CA LEU A 199 -7.02 -9.70 6.93
C LEU A 199 -7.16 -8.76 8.11
N ASP A 200 -6.56 -7.60 7.99
CA ASP A 200 -6.64 -6.57 9.02
C ASP A 200 -7.55 -5.43 8.63
N ILE A 201 -7.72 -5.19 7.34
CA ILE A 201 -8.34 -3.96 6.85
C ILE A 201 -8.66 -4.14 5.38
N PHE A 202 -9.63 -3.37 4.89
CA PHE A 202 -9.91 -3.21 3.48
C PHE A 202 -9.56 -1.79 3.04
N GLY A 203 -9.15 -1.68 1.78
CA GLY A 203 -9.01 -0.40 1.13
C GLY A 203 -9.58 -0.46 -0.27
N PRO A 204 -9.74 0.71 -0.89
CA PRO A 204 -10.24 0.78 -2.27
C PRO A 204 -9.34 0.02 -3.24
N GLY A 205 -9.94 -0.91 -3.99
CA GLY A 205 -9.16 -1.71 -4.90
C GLY A 205 -9.74 -1.98 -6.27
N THR A 206 -10.99 -1.61 -6.52
CA THR A 206 -11.59 -1.80 -7.85
C THR A 206 -11.63 -0.47 -8.57
N ASP A 207 -11.05 -0.42 -9.76
CA ASP A 207 -11.08 0.76 -10.64
C ASP A 207 -10.40 1.96 -10.01
N ILE A 208 -9.10 1.79 -9.76
CA ILE A 208 -8.28 2.78 -9.08
C ILE A 208 -7.40 3.50 -10.11
N LEU A 209 -7.62 4.80 -10.28
CA LEU A 209 -6.84 5.64 -11.17
C LEU A 209 -5.54 6.06 -10.49
N SER A 210 -4.43 5.88 -11.19
CA SER A 210 -3.12 6.30 -10.70
C SER A 210 -2.16 6.49 -11.86
N THR A 211 -0.92 6.79 -11.52
CA THR A 211 0.15 6.99 -12.48
C THR A 211 0.50 5.69 -13.20
N TRP A 212 1.05 5.84 -14.40
CA TRP A 212 1.54 4.71 -15.18
C TRP A 212 2.80 5.16 -15.90
N ILE A 213 3.51 4.19 -16.47
CA ILE A 213 4.76 4.50 -17.17
C ILE A 213 4.48 5.25 -18.47
N GLY A 214 5.53 5.87 -19.00
CA GLY A 214 5.37 6.78 -20.12
C GLY A 214 4.69 8.07 -19.74
N GLY A 215 4.75 8.47 -18.47
CA GLY A 215 4.17 9.71 -18.04
C GLY A 215 2.66 9.74 -18.15
N SER A 216 2.02 8.59 -18.01
CA SER A 216 0.59 8.45 -18.28
CA SER A 216 0.60 8.44 -18.27
C SER A 216 -0.16 8.15 -16.98
N THR A 217 -1.44 7.80 -17.13
CA THR A 217 -2.29 7.36 -16.03
C THR A 217 -3.21 6.26 -16.55
N ARG A 218 -3.66 5.40 -15.64
CA ARG A 218 -4.72 4.44 -15.97
C ARG A 218 -5.38 3.93 -14.70
N SER A 219 -6.53 3.32 -14.89
CA SER A 219 -7.33 2.71 -13.83
C SER A 219 -7.21 1.20 -13.95
N ILE A 220 -6.78 0.56 -12.86
CA ILE A 220 -6.70 -0.90 -12.77
C ILE A 220 -7.22 -1.33 -11.40
N SER A 221 -7.38 -2.64 -11.24
CA SER A 221 -7.99 -3.21 -10.05
C SER A 221 -7.13 -4.30 -9.45
N GLY A 222 -7.18 -4.40 -8.12
CA GLY A 222 -6.52 -5.49 -7.42
C GLY A 222 -6.35 -5.17 -5.95
N THR A 223 -6.03 -6.21 -5.18
CA THR A 223 -5.58 -5.93 -3.82
C THR A 223 -4.25 -5.18 -3.84
N SER A 224 -3.52 -5.24 -4.96
CA SER A 224 -2.33 -4.41 -5.17
C SER A 224 -2.64 -2.92 -5.11
N MET A 225 -3.86 -2.53 -5.46
CA MET A 225 -4.27 -1.14 -5.46
C MET A 225 -4.80 -0.69 -4.10
N ALA A 226 -5.36 -1.64 -3.34
CA ALA A 226 -5.84 -1.35 -1.99
C ALA A 226 -4.66 -1.13 -1.02
N THR A 227 -3.61 -1.95 -1.15
CA THR A 227 -2.46 -1.92 -0.25
C THR A 227 -1.82 -0.55 -0.17
N PRO A 228 -1.50 0.13 -1.29
CA PRO A 228 -0.89 1.46 -1.19
C PRO A 228 -1.81 2.52 -0.60
N HIS A 229 -3.14 2.36 -0.65
CA HIS A 229 -3.98 3.29 0.07
C HIS A 229 -3.70 3.21 1.58
N VAL A 230 -3.58 1.97 2.09
CA VAL A 230 -3.30 1.78 3.51
C VAL A 230 -1.88 2.21 3.86
N ALA A 231 -0.91 1.91 3.00
CA ALA A 231 0.46 2.37 3.24
C ALA A 231 0.54 3.89 3.29
N GLY A 232 -0.07 4.56 2.32
CA GLY A 232 -0.11 6.01 2.33
C GLY A 232 -0.83 6.56 3.54
N LEU A 233 -1.93 5.91 3.95
CA LEU A 233 -2.65 6.34 5.14
C LEU A 233 -1.76 6.24 6.37
N ALA A 234 -1.04 5.13 6.51
CA ALA A 234 -0.12 4.98 7.63
C ALA A 234 0.91 6.12 7.66
N ALA A 235 1.50 6.44 6.51
CA ALA A 235 2.49 7.50 6.47
C ALA A 235 1.88 8.81 6.90
N TYR A 236 0.69 9.10 6.39
CA TYR A 236 -0.06 10.31 6.74
C TYR A 236 -0.31 10.40 8.23
N LEU A 237 -0.75 9.29 8.85
CA LEU A 237 -1.06 9.29 10.28
C LEU A 237 0.19 9.37 11.14
N MET A 238 1.28 8.79 10.67
CA MET A 238 2.54 8.88 11.39
CA MET A 238 2.54 8.89 11.40
C MET A 238 3.08 10.32 11.37
N THR A 239 2.98 11.00 10.22
CA THR A 239 3.35 12.41 10.19
C THR A 239 2.53 13.23 11.17
N LEU A 240 1.24 12.93 11.32
CA LEU A 240 0.41 13.63 12.29
C LEU A 240 0.72 13.26 13.73
N GLY A 241 1.57 12.27 13.97
CA GLY A 241 1.88 11.82 15.30
C GLY A 241 0.81 10.99 15.95
N LYS A 242 -0.17 10.51 15.18
CA LYS A 242 -1.29 9.75 15.74
C LYS A 242 -0.93 8.30 16.06
N THR A 243 0.10 7.76 15.42
CA THR A 243 0.47 6.37 15.59
C THR A 243 1.92 6.20 15.18
N THR A 244 2.41 4.97 15.27
CA THR A 244 3.79 4.63 15.02
C THR A 244 3.83 3.43 14.06
N ALA A 245 5.03 3.09 13.59
CA ALA A 245 5.12 1.95 12.68
C ALA A 245 4.62 0.66 13.32
N ALA A 246 4.92 0.46 14.61
CA ALA A 246 4.56 -0.77 15.28
C ALA A 246 3.07 -0.86 15.53
N SER A 247 2.38 0.28 15.59
CA SER A 247 0.99 0.30 16.01
C SER A 247 0.03 0.76 14.93
N ALA A 248 0.53 1.13 13.75
CA ALA A 248 -0.32 1.78 12.76
C ALA A 248 -1.41 0.85 12.22
N CYS A 249 -1.10 -0.43 12.01
CA CYS A 249 -2.13 -1.33 11.52
C CYS A 249 -3.29 -1.39 12.49
N ARG A 250 -2.98 -1.60 13.78
CA ARG A 250 -4.00 -1.64 14.81
C ARG A 250 -4.75 -0.32 14.90
N TYR A 251 -4.04 0.80 14.77
CA TYR A 251 -4.68 2.11 14.85
C TYR A 251 -5.64 2.30 13.67
N ILE A 252 -5.20 1.91 12.47
CA ILE A 252 -6.06 2.00 11.29
C ILE A 252 -7.31 1.13 11.49
N ALA A 253 -7.14 -0.09 11.99
CA ALA A 253 -8.30 -0.94 12.27
C ALA A 253 -9.22 -0.30 13.32
N ASP A 254 -8.62 0.27 14.38
CA ASP A 254 -9.41 0.86 15.46
C ASP A 254 -10.23 2.05 14.98
N THR A 255 -9.71 2.81 14.02
CA THR A 255 -10.32 4.05 13.57
C THR A 255 -11.06 3.88 12.24
N ALA A 256 -11.15 2.66 11.75
CA ALA A 256 -11.75 2.38 10.46
C ALA A 256 -13.25 2.62 10.48
N ASN A 257 -13.81 2.81 9.28
CA ASN A 257 -15.25 2.68 9.14
C ASN A 257 -15.63 1.22 9.33
N LYS A 258 -16.55 0.97 10.25
CA LYS A 258 -16.91 -0.37 10.64
C LYS A 258 -18.31 -0.74 10.13
N GLY A 259 -18.42 -1.93 9.57
CA GLY A 259 -19.72 -2.44 9.20
C GLY A 259 -20.30 -1.83 7.94
N ASP A 260 -19.46 -1.24 7.10
CA ASP A 260 -19.95 -0.56 5.90
C ASP A 260 -19.89 -1.41 4.65
N LEU A 261 -19.13 -2.50 4.66
CA LEU A 261 -18.92 -3.28 3.46
C LEU A 261 -19.90 -4.44 3.37
N SER A 262 -20.24 -4.80 2.15
CA SER A 262 -21.08 -5.94 1.84
C SER A 262 -20.23 -7.07 1.27
N ASN A 263 -20.83 -8.27 1.32
CA ASN A 263 -20.21 -9.53 0.90
C ASN A 263 -18.90 -9.80 1.62
N ILE A 264 -18.88 -9.49 2.90
CA ILE A 264 -17.78 -9.86 3.79
C ILE A 264 -18.08 -11.23 4.38
N PRO A 265 -17.27 -12.25 4.11
CA PRO A 265 -17.55 -13.58 4.68
C PRO A 265 -17.49 -13.55 6.20
N PHE A 266 -18.33 -14.39 6.80
CA PHE A 266 -18.32 -14.57 8.24
C PHE A 266 -16.89 -14.88 8.68
N GLY A 267 -16.39 -14.13 9.66
CA GLY A 267 -15.05 -14.35 10.16
C GLY A 267 -14.00 -13.41 9.58
N THR A 268 -14.35 -12.60 8.59
CA THR A 268 -13.46 -11.58 8.04
C THR A 268 -13.88 -10.22 8.60
N VAL A 269 -12.90 -9.37 8.94
CA VAL A 269 -13.21 -8.06 9.47
C VAL A 269 -14.00 -7.24 8.46
N ASN A 270 -14.91 -6.41 8.96
CA ASN A 270 -15.65 -5.46 8.16
C ASN A 270 -15.16 -4.06 8.53
N LEU A 271 -13.97 -3.73 8.05
CA LEU A 271 -13.26 -2.52 8.42
C LEU A 271 -12.67 -1.92 7.15
N LEU A 272 -12.97 -0.65 6.92
CA LEU A 272 -12.54 0.08 5.73
C LEU A 272 -11.69 1.26 6.15
N ALA A 273 -10.48 1.34 5.61
CA ALA A 273 -9.52 2.36 6.01
C ALA A 273 -10.12 3.75 5.89
N TYR A 274 -9.85 4.57 6.92
CA TYR A 274 -10.49 5.87 7.08
C TYR A 274 -9.53 6.80 7.82
N ASN A 275 -9.34 8.02 7.30
CA ASN A 275 -8.36 8.92 7.90
C ASN A 275 -8.92 9.75 9.04
N ASN A 276 -10.24 9.71 9.26
CA ASN A 276 -10.82 10.41 10.39
C ASN A 276 -10.46 11.89 10.39
N TYR A 277 -10.27 12.46 9.21
CA TYR A 277 -9.89 13.87 9.14
C TYR A 277 -11.15 14.72 9.28
O40 WCO B . 15.64 7.24 -8.89
O41 WCO B . 17.32 6.37 -10.99
O42 WCO B . 18.49 3.75 -11.07
O43 WCO B . 17.35 8.94 -10.39
O44 WCO B . 19.65 6.11 -12.23
O45 WCO B . 18.60 4.28 -13.85
O46 WCO B . 14.73 9.06 -10.76
O47 WCO B . 16.23 10.96 -11.79
O48 WCO B . 18.92 11.21 -10.86
O49 WCO B . 19.11 8.62 -12.13
O50 WCO B . 21.74 7.78 -13.03
O51 WCO B . 20.15 6.26 -14.80
O52 WCO B . 19.44 4.12 -16.51
O53 WCO B . 16.84 4.87 -15.85
O54 WCO B . 14.59 4.30 -17.49
O55 WCO B . 13.46 6.46 -16.08
O56 WCO B . 11.44 8.10 -14.99
O57 WCO B . 13.52 8.83 -13.18
O58 WCO B . 13.47 11.35 -11.93
O59 WCO B . 16.30 8.53 -12.72
O60 WCO B . 17.77 6.76 -13.82
O61 WCO B . 15.24 6.82 -14.35
O62 WCO B . 16.79 8.71 -15.22
O63 WCO B . 18.19 10.67 -13.49
O64 WCO B . 19.67 8.89 -14.68
O65 WCO B . 18.35 6.72 -16.70
O66 WCO B . 15.81 6.81 -17.16
O67 WCO B . 13.99 8.99 -15.73
O68 WCO B . 15.00 10.73 -14.08
O69 WCO B . 17.05 11.20 -15.75
O70 WCO B . 19.76 11.52 -15.71
O71 WCO B . 18.51 9.38 -17.01
O72 WCO B . 17.55 7.88 -19.16
O73 WCO B . 15.95 9.44 -17.51
O74 WCO B . 14.33 11.60 -16.67
O75 WCO B . 14.73 6.55 -11.33
O76 WCO B . 16.37 4.55 -12.55
O77 WCO B . 14.44 4.33 -14.81
O78 WCO B . 12.77 6.35 -13.52
P2 WCO B . 16.53 7.69 -14.03
W12 WCO B . 15.86 7.52 -10.55
W13 WCO B . 17.94 4.99 -12.15
W14 WCO B . 17.95 10.07 -11.73
W15 WCO B . 20.07 7.51 -13.38
W16 WCO B . 18.64 5.26 -15.54
W17 WCO B . 14.98 5.29 -16.15
W18 WCO B . 13.04 7.61 -14.58
W19 WCO B . 14.60 10.16 -12.36
W20 WCO B . 18.62 10.30 -15.36
W21 WCO B . 17.21 8.02 -17.52
W22 WCO B . 15.23 10.37 -15.97
CO1 WCO B . 14.43 5.15 -12.88
O40 WCO C . -16.88 4.13 -13.78
O41 WCO C . -16.73 1.68 -15.33
O42 WCO C . -14.23 0.53 -16.50
O43 WCO C . -19.13 2.99 -15.20
O44 WCO C . -17.10 0.16 -17.44
O45 WCO C . -15.60 -1.78 -16.35
O46 WCO C . -18.95 2.93 -12.54
O47 WCO C . -21.26 2.34 -13.71
O48 WCO C . -21.66 2.90 -16.45
O49 WCO C . -19.56 1.01 -16.78
O50 WCO C . -19.15 -0.34 -19.24
O51 WCO C . -17.94 -2.27 -17.51
O52 WCO C . -16.20 -4.46 -16.83
O53 WCO C . -16.61 -3.46 -14.21
O54 WCO C . -16.18 -4.93 -11.81
O55 WCO C . -17.77 -2.79 -10.68
O56 WCO C . -18.91 -1.13 -8.74
O57 WCO C . -19.38 0.65 -10.92
O58 WCO C . -21.31 2.67 -11.03
O59 WCO C . -19.18 0.76 -13.84
O60 WCO C . -17.93 -0.98 -15.31
O61 WCO C . -17.98 -1.35 -12.65
O62 WCO C . -19.99 -1.68 -13.99
O63 WCO C . -21.56 0.34 -15.42
O64 WCO C . -20.41 -1.40 -16.88
O65 WCO C . -18.62 -3.80 -15.52
O66 WCO C . -18.70 -4.12 -12.84
O67 WCO C . -20.20 -1.89 -11.05
O68 WCO C . -21.40 0.20 -12.17
O69 WCO C . -22.53 -1.50 -13.96
O70 WCO C . -23.16 -1.73 -16.59
O71 WCO C . -21.30 -3.40 -15.36
O72 WCO C . -20.21 -5.74 -14.39
O73 WCO C . -21.20 -3.52 -12.89
O74 WCO C . -22.85 -2.01 -11.20
O75 WCO C . -16.97 1.64 -12.64
O76 WCO C . -15.59 -0.41 -14.30
O77 WCO C . -15.73 -2.31 -12.19
O78 WCO C . -17.11 -0.32 -10.46
P2 WCO C . -18.71 -0.77 -13.96
W12 WCO C . -17.61 2.62 -13.88
W13 WCO C . -15.78 0.07 -15.86
W14 WCO C . -20.58 1.93 -15.50
W15 WCO C . -18.81 -0.56 -17.57
W16 WCO C . -16.97 -3.14 -16.03
W17 WCO C . -16.97 -3.46 -12.28
W18 WCO C . -18.54 -1.03 -10.41
W19 WCO C . -20.42 1.74 -12.08
W20 WCO C . -21.74 -1.60 -15.62
W21 WCO C . -19.92 -4.09 -14.18
W22 WCO C . -21.58 -1.75 -12.23
CO1 WCO C . -15.91 -0.20 -12.24
S SO4 D . -13.19 7.43 -10.50
O1 SO4 D . -14.44 7.61 -9.76
O2 SO4 D . -12.05 7.65 -9.64
O3 SO4 D . -13.14 6.02 -10.94
O4 SO4 D . -13.23 8.28 -11.69
#